data_5NWQ
#
_entry.id   5NWQ
#
_cell.length_a   83.604
_cell.length_b   83.604
_cell.length_c   66.594
_cell.angle_alpha   90.00
_cell.angle_beta   90.00
_cell.angle_gamma   120.00
#
_symmetry.space_group_name_H-M   'P 31 2 1'
#
loop_
_entity.id
_entity.type
_entity.pdbx_description
1 polymer 'Guanidine III riboswitch'
2 non-polymer GUANIDINE
3 non-polymer 'POTASSIUM ION'
4 non-polymer 'SODIUM ION'
5 non-polymer 'MAGNESIUM ION'
6 water water
#
_entity_poly.entity_id   1
_entity_poly.type   'polyribonucleotide'
_entity_poly.pdbx_seq_one_letter_code
;CCGGACGAGGUGCGCCGUACCCGGUCAGGACAAGACGG(CBV)GC
;
_entity_poly.pdbx_strand_id   A,B
#